data_1S4T
#
_entry.id   1S4T
#
_entity_poly.entity_id   1
_entity_poly.type   'polypeptide(L)'
_entity_poly.pdbx_seq_one_letter_code
;SRPLIHFGNDYEDRYYRENMY
;
_entity_poly.pdbx_strand_id   A
#
# COMPACT_ATOMS: atom_id res chain seq x y z
N SER A 1 2.65 2.70 1.55
CA SER A 1 1.79 1.55 1.35
C SER A 1 2.14 0.41 2.32
N ARG A 2 1.41 -0.68 2.19
CA ARG A 2 1.67 -1.85 3.00
C ARG A 2 1.65 -3.12 2.14
N PRO A 3 2.68 -3.97 2.34
CA PRO A 3 2.73 -5.27 1.67
C PRO A 3 1.75 -6.25 2.31
N LEU A 4 1.01 -6.94 1.45
CA LEU A 4 -0.16 -7.68 1.91
C LEU A 4 -0.24 -9.01 1.15
N ILE A 5 0.93 -9.51 0.77
CA ILE A 5 1.30 -9.57 -0.63
C ILE A 5 0.07 -9.30 -1.49
N HIS A 6 0.08 -8.14 -2.14
CA HIS A 6 -1.05 -7.74 -2.96
C HIS A 6 -0.62 -7.71 -4.43
N PHE A 7 -0.31 -8.89 -4.95
CA PHE A 7 -0.15 -9.07 -6.37
C PHE A 7 -1.16 -8.21 -7.14
N GLY A 8 -0.64 -7.42 -8.06
CA GLY A 8 0.72 -6.92 -7.92
C GLY A 8 0.82 -5.48 -8.45
N ASN A 9 0.08 -4.59 -7.80
CA ASN A 9 -0.22 -3.30 -8.38
C ASN A 9 -0.24 -2.24 -7.28
N ASP A 10 -0.40 -2.71 -6.05
CA ASP A 10 -0.01 -1.93 -4.89
C ASP A 10 -0.80 -0.62 -4.89
N TYR A 11 -2.10 -0.75 -5.06
CA TYR A 11 -2.94 0.41 -5.32
C TYR A 11 -3.69 0.85 -4.06
N GLU A 12 -3.57 0.03 -3.03
CA GLU A 12 -4.23 0.32 -1.77
C GLU A 12 -3.40 1.31 -0.95
N ASP A 13 -2.36 1.82 -1.57
CA ASP A 13 -1.35 2.58 -0.85
C ASP A 13 -2.04 3.68 -0.04
N ARG A 14 -3.03 4.31 -0.65
CA ARG A 14 -3.58 5.54 -0.12
C ARG A 14 -4.35 5.26 1.17
N TYR A 15 -4.61 3.98 1.40
CA TYR A 15 -5.33 3.57 2.59
C TYR A 15 -4.40 2.88 3.59
N TYR A 16 -3.20 2.57 3.12
CA TYR A 16 -2.20 1.98 3.97
C TYR A 16 -0.88 2.75 3.89
N ARG A 17 -1.00 4.07 3.88
CA ARG A 17 0.18 4.93 3.74
C ARG A 17 0.70 5.32 5.13
N GLU A 18 0.90 4.31 5.96
CA GLU A 18 1.41 4.54 7.30
C GLU A 18 2.91 4.80 7.26
N ASN A 19 3.34 5.45 6.18
CA ASN A 19 4.76 5.63 5.93
C ASN A 19 4.95 6.62 4.77
N MET A 20 3.86 7.29 4.43
CA MET A 20 3.84 8.15 3.26
C MET A 20 2.72 9.19 3.35
N TYR A 21 3.00 10.36 2.80
CA TYR A 21 1.95 11.35 2.58
C TYR A 21 0.88 10.82 1.62
N SER A 1 2.61 2.89 1.95
CA SER A 1 2.61 1.68 1.14
C SER A 1 2.88 0.45 2.00
N ARG A 2 2.03 -0.54 1.84
CA ARG A 2 2.26 -1.84 2.47
C ARG A 2 1.79 -2.97 1.56
N PRO A 3 2.51 -4.12 1.65
CA PRO A 3 2.05 -5.35 1.03
C PRO A 3 0.88 -5.97 1.79
N LEU A 4 -0.01 -6.62 1.06
CA LEU A 4 -0.96 -7.52 1.66
C LEU A 4 -1.03 -8.82 0.86
N ILE A 5 0.11 -9.17 0.28
CA ILE A 5 0.17 -9.47 -1.14
C ILE A 5 -0.78 -8.54 -1.90
N HIS A 6 -0.20 -7.71 -2.75
CA HIS A 6 -0.97 -6.71 -3.46
C HIS A 6 -0.44 -6.57 -4.89
N PHE A 7 -0.28 -7.70 -5.54
CA PHE A 7 0.01 -7.72 -6.97
C PHE A 7 -0.63 -6.51 -7.66
N GLY A 8 0.20 -5.76 -8.37
CA GLY A 8 1.55 -5.51 -7.90
C GLY A 8 1.88 -4.01 -7.93
N ASN A 9 1.00 -3.23 -7.30
CA ASN A 9 0.92 -1.81 -7.59
C ASN A 9 0.41 -1.07 -6.35
N ASP A 10 -0.08 -1.86 -5.39
CA ASP A 10 -0.43 -1.31 -4.09
C ASP A 10 -1.55 -0.28 -4.26
N TYR A 11 -2.72 -0.78 -4.64
CA TYR A 11 -3.91 0.05 -4.66
C TYR A 11 -4.31 0.48 -3.24
N GLU A 12 -3.72 -0.21 -2.27
CA GLU A 12 -4.15 -0.04 -0.88
C GLU A 12 -3.40 1.13 -0.24
N ASP A 13 -2.52 1.73 -1.02
CA ASP A 13 -1.53 2.63 -0.47
C ASP A 13 -2.24 3.84 0.17
N ARG A 14 -3.39 4.16 -0.39
CA ARG A 14 -4.15 5.31 0.06
C ARG A 14 -4.52 5.15 1.54
N TYR A 15 -4.48 3.91 2.00
CA TYR A 15 -4.85 3.60 3.36
C TYR A 15 -3.63 3.15 4.18
N TYR A 16 -2.68 2.55 3.48
CA TYR A 16 -1.50 2.00 4.13
C TYR A 16 -0.33 2.99 4.08
N ARG A 17 -0.68 4.26 4.06
CA ARG A 17 0.30 5.31 4.24
C ARG A 17 0.22 5.87 5.67
N GLU A 18 0.35 4.97 6.63
CA GLU A 18 0.69 5.38 7.99
C GLU A 18 2.21 5.48 8.15
N ASN A 19 2.86 5.87 7.06
CA ASN A 19 4.31 5.72 6.98
C ASN A 19 4.83 6.59 5.83
N MET A 20 3.94 7.40 5.29
CA MET A 20 4.21 8.12 4.06
C MET A 20 3.36 9.38 3.94
N TYR A 21 4.00 10.44 3.49
CA TYR A 21 3.28 11.68 3.22
C TYR A 21 2.29 11.50 2.06
N SER A 1 2.21 0.12 0.43
CA SER A 1 1.45 -0.23 1.61
C SER A 1 1.99 -1.50 2.27
N ARG A 2 1.24 -2.00 3.23
CA ARG A 2 1.46 -3.34 3.73
C ARG A 2 1.24 -4.37 2.62
N PRO A 3 2.03 -5.48 2.70
CA PRO A 3 1.86 -6.58 1.76
C PRO A 3 0.61 -7.40 2.08
N LEU A 4 -0.17 -7.67 1.04
CA LEU A 4 -1.30 -8.56 1.17
C LEU A 4 -1.05 -9.81 0.33
N ILE A 5 0.21 -10.01 -0.02
CA ILE A 5 0.58 -10.17 -1.42
C ILE A 5 -0.44 -9.45 -2.29
N HIS A 6 0.01 -8.37 -2.92
CA HIS A 6 -0.86 -7.57 -3.77
C HIS A 6 -0.14 -7.23 -5.07
N PHE A 7 0.29 -8.27 -5.76
CA PHE A 7 0.47 -8.19 -7.21
C PHE A 7 -0.40 -7.10 -7.81
N GLY A 8 0.24 -6.20 -8.55
CA GLY A 8 1.61 -5.83 -8.24
C GLY A 8 1.80 -4.32 -8.41
N ASN A 9 1.01 -3.57 -7.66
CA ASN A 9 0.82 -2.16 -7.95
C ASN A 9 0.52 -1.40 -6.65
N ASP A 10 0.07 -2.15 -5.66
CA ASP A 10 0.04 -1.65 -4.30
C ASP A 10 -0.80 -0.38 -4.25
N TYR A 11 -2.04 -0.51 -4.71
CA TYR A 11 -2.96 0.61 -4.68
C TYR A 11 -3.48 0.85 -3.25
N GLU A 12 -3.12 -0.07 -2.36
CA GLU A 12 -3.68 -0.08 -1.02
C GLU A 12 -2.94 0.91 -0.13
N ASP A 13 -2.01 1.64 -0.74
CA ASP A 13 -1.16 2.55 0.01
C ASP A 13 -2.01 3.69 0.55
N ARG A 14 -3.00 4.09 -0.24
CA ARG A 14 -3.71 5.33 0.00
C ARG A 14 -4.60 5.20 1.23
N TYR A 15 -4.75 3.96 1.69
CA TYR A 15 -5.53 3.70 2.88
C TYR A 15 -4.63 3.58 4.11
N TYR A 16 -3.38 3.23 3.85
CA TYR A 16 -2.41 3.05 4.93
C TYR A 16 -1.15 3.87 4.68
N ARG A 17 -1.34 5.17 4.54
CA ARG A 17 -0.35 6.01 3.91
C ARG A 17 0.62 6.58 4.94
N GLU A 18 1.10 5.70 5.81
CA GLU A 18 1.97 6.11 6.90
C GLU A 18 3.43 6.13 6.44
N ASN A 19 3.62 6.63 5.22
CA ASN A 19 4.95 6.70 4.64
C ASN A 19 5.00 7.82 3.61
N MET A 20 3.94 7.90 2.82
CA MET A 20 3.88 8.86 1.74
C MET A 20 2.51 9.54 1.68
N TYR A 21 2.54 10.86 1.63
CA TYR A 21 1.32 11.64 1.71
C TYR A 21 0.29 11.16 0.69
N SER A 1 2.54 0.84 0.82
CA SER A 1 1.74 0.44 1.96
C SER A 1 2.16 -0.96 2.46
N ARG A 2 1.58 -1.34 3.59
CA ARG A 2 1.69 -2.71 4.04
C ARG A 2 1.39 -3.68 2.89
N PRO A 3 2.13 -4.82 2.90
CA PRO A 3 1.84 -5.91 1.98
C PRO A 3 0.58 -6.68 2.39
N LEU A 4 -0.06 -7.27 1.40
CA LEU A 4 -1.15 -8.20 1.67
C LEU A 4 -0.89 -9.50 0.91
N ILE A 5 0.37 -9.71 0.56
CA ILE A 5 0.78 -9.68 -0.84
C ILE A 5 -0.28 -8.93 -1.65
N HIS A 6 0.16 -7.84 -2.26
CA HIS A 6 -0.73 -7.01 -3.05
C HIS A 6 -0.08 -6.71 -4.40
N PHE A 7 0.38 -7.76 -5.05
CA PHE A 7 0.60 -7.72 -6.49
C PHE A 7 -0.34 -6.71 -7.16
N GLY A 8 0.27 -5.80 -7.91
CA GLY A 8 1.61 -5.35 -7.61
C GLY A 8 1.76 -3.85 -7.86
N ASN A 9 0.89 -3.08 -7.21
CA ASN A 9 0.67 -1.70 -7.58
C ASN A 9 0.34 -0.88 -6.33
N ASP A 10 0.22 -1.58 -5.22
CA ASP A 10 0.16 -0.94 -3.93
C ASP A 10 -1.02 0.04 -3.90
N TYR A 11 -2.19 -0.47 -4.23
CA TYR A 11 -3.38 0.36 -4.33
C TYR A 11 -3.89 0.76 -2.96
N GLU A 12 -3.32 0.14 -1.94
CA GLU A 12 -3.69 0.43 -0.57
C GLU A 12 -3.01 1.71 -0.10
N ASP A 13 -2.31 2.36 -1.02
CA ASP A 13 -1.70 3.64 -0.75
C ASP A 13 -2.75 4.58 -0.13
N ARG A 14 -3.98 4.43 -0.60
CA ARG A 14 -5.02 5.40 -0.31
C ARG A 14 -5.40 5.34 1.17
N TYR A 15 -4.98 4.27 1.82
CA TYR A 15 -5.33 4.04 3.21
C TYR A 15 -4.08 3.90 4.08
N TYR A 16 -3.16 3.07 3.61
CA TYR A 16 -2.14 2.52 4.48
C TYR A 16 -0.73 2.87 3.97
N ARG A 17 -0.55 4.15 3.68
CA ARG A 17 0.75 4.64 3.23
C ARG A 17 1.66 4.91 4.42
N GLU A 18 1.80 3.89 5.26
CA GLU A 18 2.68 3.98 6.42
C GLU A 18 4.14 3.87 5.97
N ASN A 19 4.43 4.48 4.84
CA ASN A 19 5.80 4.51 4.33
C ASN A 19 6.00 5.76 3.48
N MET A 20 5.00 6.64 3.54
CA MET A 20 5.02 7.85 2.73
C MET A 20 4.06 8.90 3.30
N TYR A 21 4.55 10.13 3.37
CA TYR A 21 3.70 11.26 3.67
C TYR A 21 2.65 11.47 2.58
N SER A 1 1.44 0.25 1.88
CA SER A 1 0.40 -0.47 2.60
C SER A 1 0.93 -1.81 3.14
N ARG A 2 0.10 -2.47 3.92
CA ARG A 2 0.45 -3.76 4.48
C ARG A 2 0.82 -4.75 3.37
N PRO A 3 1.69 -5.72 3.73
CA PRO A 3 2.00 -6.83 2.83
C PRO A 3 0.85 -7.82 2.75
N LEU A 4 0.35 -8.01 1.54
CA LEU A 4 -0.91 -8.72 1.34
C LEU A 4 -0.79 -9.60 0.10
N ILE A 5 0.41 -10.12 -0.12
CA ILE A 5 1.15 -9.80 -1.32
C ILE A 5 0.22 -9.13 -2.33
N HIS A 6 0.38 -7.81 -2.45
CA HIS A 6 -0.52 -7.02 -3.27
C HIS A 6 0.19 -6.63 -4.57
N PHE A 7 0.62 -7.64 -5.31
CA PHE A 7 1.14 -7.42 -6.65
C PHE A 7 0.39 -6.30 -7.36
N GLY A 8 1.16 -5.32 -7.82
CA GLY A 8 2.39 -4.94 -7.14
C GLY A 8 2.57 -3.42 -7.15
N ASN A 9 1.57 -2.72 -6.65
CA ASN A 9 1.44 -1.30 -6.93
C ASN A 9 0.91 -0.58 -5.68
N ASP A 10 0.51 -1.39 -4.70
CA ASP A 10 0.11 -0.85 -3.41
C ASP A 10 -1.04 0.12 -3.60
N TYR A 11 -2.11 -0.39 -4.21
CA TYR A 11 -3.23 0.46 -4.60
C TYR A 11 -4.10 0.79 -3.39
N GLU A 12 -3.73 0.24 -2.26
CA GLU A 12 -4.33 0.63 -0.99
C GLU A 12 -3.71 1.93 -0.48
N ASP A 13 -3.03 2.61 -1.39
CA ASP A 13 -2.41 3.89 -1.06
C ASP A 13 -3.43 4.77 -0.33
N ARG A 14 -4.67 4.68 -0.79
CA ARG A 14 -5.69 5.64 -0.37
C ARG A 14 -6.04 5.44 1.10
N TYR A 15 -5.58 4.32 1.64
CA TYR A 15 -5.89 3.97 3.00
C TYR A 15 -4.62 3.84 3.85
N TYR A 16 -3.62 3.19 3.26
CA TYR A 16 -2.43 2.82 4.01
C TYR A 16 -1.17 3.17 3.22
N ARG A 17 -1.03 4.46 2.93
CA ARG A 17 0.21 4.97 2.36
C ARG A 17 1.23 5.22 3.47
N GLU A 18 1.45 4.21 4.29
CA GLU A 18 2.42 4.29 5.36
C GLU A 18 3.84 4.18 4.79
N ASN A 19 4.00 4.70 3.58
CA ASN A 19 5.28 4.60 2.89
C ASN A 19 5.53 5.89 2.11
N MET A 20 4.54 6.77 2.14
CA MET A 20 4.57 7.96 1.30
C MET A 20 3.64 9.03 1.85
N TYR A 21 4.18 10.24 1.98
CA TYR A 21 3.40 11.37 2.46
C TYR A 21 2.21 11.64 1.55
N SER A 1 1.80 1.91 1.35
CA SER A 1 2.33 0.64 0.90
C SER A 1 2.12 -0.44 1.95
N ARG A 2 1.46 -1.52 1.54
CA ARG A 2 1.12 -2.58 2.47
C ARG A 2 0.95 -3.90 1.72
N PRO A 3 1.72 -4.93 2.19
CA PRO A 3 1.59 -6.27 1.65
C PRO A 3 0.31 -6.95 2.16
N LEU A 4 -0.48 -7.43 1.22
CA LEU A 4 -1.70 -8.13 1.56
C LEU A 4 -1.72 -9.50 0.88
N ILE A 5 -0.51 -9.98 0.57
CA ILE A 5 -0.16 -10.26 -0.81
C ILE A 5 -0.97 -9.36 -1.74
N HIS A 6 -0.25 -8.47 -2.41
CA HIS A 6 -0.89 -7.42 -3.18
C HIS A 6 -0.42 -7.48 -4.63
N PHE A 7 -0.55 -8.67 -5.22
CA PHE A 7 -0.35 -8.82 -6.65
C PHE A 7 -0.78 -7.57 -7.40
N GLY A 8 0.14 -7.04 -8.19
CA GLY A 8 1.54 -7.00 -7.78
C GLY A 8 2.09 -5.57 -7.89
N ASN A 9 1.38 -4.64 -7.28
CA ASN A 9 1.49 -3.24 -7.65
C ASN A 9 1.24 -2.37 -6.42
N ASP A 10 0.73 -3.01 -5.36
CA ASP A 10 0.52 -2.32 -4.10
C ASP A 10 -0.38 -1.10 -4.32
N TYR A 11 -1.54 -1.37 -4.90
CA TYR A 11 -2.51 -0.31 -5.13
C TYR A 11 -3.18 0.10 -3.83
N GLU A 12 -2.86 -0.62 -2.77
CA GLU A 12 -3.46 -0.37 -1.47
C GLU A 12 -2.73 0.75 -0.74
N ASP A 13 -1.79 1.36 -1.46
CA ASP A 13 -0.95 2.39 -0.87
C ASP A 13 -1.84 3.44 -0.19
N ARG A 14 -2.96 3.72 -0.83
CA ARG A 14 -3.73 4.90 -0.49
C ARG A 14 -4.55 4.65 0.78
N TYR A 15 -4.61 3.39 1.16
CA TYR A 15 -5.27 3.01 2.39
C TYR A 15 -4.28 2.88 3.55
N TYR A 16 -3.01 2.71 3.17
CA TYR A 16 -1.99 2.38 4.15
C TYR A 16 -0.71 3.19 3.91
N ARG A 17 -0.83 4.49 4.11
CA ARG A 17 0.16 5.43 3.61
C ARG A 17 1.23 5.69 4.68
N GLU A 18 1.82 4.61 5.16
CA GLU A 18 2.93 4.72 6.10
C GLU A 18 4.23 5.03 5.35
N ASN A 19 4.08 5.85 4.31
CA ASN A 19 5.22 6.17 3.46
C ASN A 19 4.93 7.47 2.70
N MET A 20 4.33 8.41 3.41
CA MET A 20 3.87 9.65 2.79
C MET A 20 3.92 10.81 3.78
N TYR A 21 4.06 12.01 3.24
CA TYR A 21 3.72 13.21 3.98
C TYR A 21 2.25 13.21 4.40
N SER A 1 1.79 1.27 0.45
CA SER A 1 0.78 0.54 1.19
C SER A 1 1.42 -0.56 2.04
N ARG A 2 0.64 -1.08 2.97
CA ARG A 2 1.01 -2.30 3.67
C ARG A 2 1.29 -3.42 2.67
N PRO A 3 2.24 -4.31 3.06
CA PRO A 3 2.46 -5.55 2.32
C PRO A 3 1.35 -6.55 2.61
N LEU A 4 0.54 -6.79 1.59
CA LEU A 4 -0.53 -7.78 1.69
C LEU A 4 -0.14 -9.03 0.89
N ILE A 5 1.13 -9.08 0.51
CA ILE A 5 1.47 -9.18 -0.90
C ILE A 5 0.38 -8.54 -1.75
N HIS A 6 0.77 -7.50 -2.47
CA HIS A 6 -0.18 -6.71 -3.23
C HIS A 6 0.33 -6.50 -4.66
N PHE A 7 0.64 -7.60 -5.31
CA PHE A 7 0.80 -7.60 -6.75
C PHE A 7 -0.11 -6.56 -7.40
N GLY A 8 0.50 -5.68 -8.17
CA GLY A 8 1.83 -5.20 -7.86
C GLY A 8 1.95 -3.70 -8.08
N ASN A 9 1.06 -2.96 -7.44
CA ASN A 9 0.76 -1.60 -7.85
C ASN A 9 0.52 -0.73 -6.61
N ASP A 10 0.48 -1.39 -5.47
CA ASP A 10 0.44 -0.69 -4.19
C ASP A 10 -0.78 0.23 -4.16
N TYR A 11 -1.93 -0.37 -4.44
CA TYR A 11 -3.12 0.41 -4.74
C TYR A 11 -4.03 0.52 -3.52
N GLU A 12 -3.73 -0.31 -2.52
CA GLU A 12 -4.41 -0.21 -1.24
C GLU A 12 -3.79 0.90 -0.40
N ASP A 13 -2.80 1.58 -0.98
CA ASP A 13 -2.14 2.67 -0.30
C ASP A 13 -3.16 3.77 0.02
N ARG A 14 -4.17 3.85 -0.83
CA ARG A 14 -5.19 4.88 -0.67
C ARG A 14 -5.96 4.68 0.64
N TYR A 15 -5.76 3.51 1.23
CA TYR A 15 -6.40 3.20 2.49
C TYR A 15 -5.36 3.14 3.62
N TYR A 16 -4.18 2.67 3.26
CA TYR A 16 -3.15 2.40 4.26
C TYR A 16 -1.80 2.99 3.83
N ARG A 17 -1.78 4.31 3.73
CA ARG A 17 -0.56 5.01 3.34
C ARG A 17 0.22 5.45 4.58
N GLU A 18 0.48 4.49 5.45
CA GLU A 18 1.39 4.71 6.57
C GLU A 18 2.84 4.52 6.13
N ASN A 19 3.11 4.96 4.90
CA ASN A 19 4.44 4.81 4.33
C ASN A 19 4.70 5.96 3.36
N MET A 20 4.15 7.12 3.70
CA MET A 20 4.14 8.24 2.77
C MET A 20 4.08 9.58 3.52
N TYR A 21 4.58 10.60 2.85
CA TYR A 21 4.36 11.97 3.32
C TYR A 21 2.88 12.31 3.35
N SER A 1 1.49 0.69 2.22
CA SER A 1 0.62 -0.24 2.93
C SER A 1 1.42 -1.48 3.37
N ARG A 2 0.94 -2.10 4.43
CA ARG A 2 1.34 -3.47 4.75
C ARG A 2 1.19 -4.36 3.52
N PRO A 3 2.01 -5.44 3.49
CA PRO A 3 1.97 -6.38 2.38
C PRO A 3 0.74 -7.29 2.48
N LEU A 4 0.06 -7.42 1.35
CA LEU A 4 -1.09 -8.30 1.28
C LEU A 4 -0.80 -9.43 0.29
N ILE A 5 0.47 -9.64 0.04
CA ILE A 5 1.01 -9.49 -1.31
C ILE A 5 0.07 -8.60 -2.12
N HIS A 6 0.57 -7.41 -2.44
CA HIS A 6 -0.23 -6.43 -3.17
C HIS A 6 0.48 -6.04 -4.46
N PHE A 7 0.70 -7.03 -5.31
CA PHE A 7 1.11 -6.77 -6.68
C PHE A 7 0.49 -5.48 -7.20
N GLY A 8 1.35 -4.60 -7.68
CA GLY A 8 2.67 -4.45 -7.11
C GLY A 8 3.06 -2.97 -7.01
N ASN A 9 2.17 -2.19 -6.40
CA ASN A 9 2.21 -0.75 -6.57
C ASN A 9 1.77 -0.08 -5.26
N ASP A 10 1.51 -0.91 -4.26
CA ASP A 10 1.11 -0.42 -2.96
C ASP A 10 -0.15 0.44 -3.12
N TYR A 11 -1.12 -0.13 -3.81
CA TYR A 11 -2.23 0.67 -4.32
C TYR A 11 -3.27 0.93 -3.23
N GLU A 12 -3.02 0.35 -2.06
CA GLU A 12 -3.83 0.65 -0.89
C GLU A 12 -3.38 1.97 -0.27
N ASP A 13 -2.70 2.77 -1.07
CA ASP A 13 -2.31 4.10 -0.64
C ASP A 13 -3.52 4.81 -0.03
N ARG A 14 -4.67 4.58 -0.64
CA ARG A 14 -5.86 5.34 -0.30
C ARG A 14 -6.27 5.08 1.15
N TYR A 15 -5.70 4.01 1.71
CA TYR A 15 -6.09 3.57 3.03
C TYR A 15 -4.89 3.55 3.97
N TYR A 16 -3.79 3.00 3.48
CA TYR A 16 -2.64 2.73 4.32
C TYR A 16 -1.35 3.25 3.66
N ARG A 17 -1.31 4.55 3.44
CA ARG A 17 -0.10 5.20 2.99
C ARG A 17 0.85 5.43 4.17
N GLU A 18 1.10 4.37 4.91
CA GLU A 18 2.01 4.44 6.03
C GLU A 18 3.46 4.40 5.55
N ASN A 19 3.67 4.99 4.38
CA ASN A 19 4.98 4.99 3.77
C ASN A 19 4.96 5.83 2.49
N MET A 20 4.02 6.78 2.47
CA MET A 20 3.74 7.51 1.25
C MET A 20 3.19 8.90 1.57
N TYR A 21 3.10 9.72 0.52
CA TYR A 21 2.94 11.15 0.70
C TYR A 21 1.98 11.74 -0.35
N SER A 1 2.24 4.17 -0.35
CA SER A 1 2.48 2.86 -0.93
C SER A 1 2.83 1.83 0.15
N ARG A 2 2.04 0.76 0.18
CA ARG A 2 1.97 -0.09 1.36
C ARG A 2 1.84 -1.56 0.95
N PRO A 3 2.99 -2.28 1.01
CA PRO A 3 3.00 -3.70 0.73
C PRO A 3 2.39 -4.49 1.89
N LEU A 4 1.86 -5.66 1.56
CA LEU A 4 1.25 -6.52 2.55
C LEU A 4 1.33 -7.97 2.09
N ILE A 5 2.30 -8.24 1.24
CA ILE A 5 2.04 -8.88 -0.04
C ILE A 5 0.71 -8.37 -0.59
N HIS A 6 0.80 -7.70 -1.74
CA HIS A 6 -0.34 -6.97 -2.27
C HIS A 6 -0.21 -6.85 -3.78
N PHE A 7 0.14 -7.96 -4.41
CA PHE A 7 0.17 -8.02 -5.86
C PHE A 7 -0.92 -7.15 -6.47
N GLY A 8 -0.50 -6.25 -7.35
CA GLY A 8 0.81 -5.65 -7.23
C GLY A 8 0.83 -4.25 -7.87
N ASN A 9 -0.09 -3.42 -7.41
CA ASN A 9 -0.37 -2.18 -8.10
C ASN A 9 -0.66 -1.08 -7.08
N ASP A 10 -0.52 -1.43 -5.81
CA ASP A 10 -0.49 -0.45 -4.75
C ASP A 10 -1.82 0.31 -4.73
N TYR A 11 -2.91 -0.45 -4.58
CA TYR A 11 -4.23 0.09 -4.79
C TYR A 11 -5.08 -0.04 -3.52
N GLU A 12 -4.61 -0.89 -2.62
CA GLU A 12 -5.17 -0.95 -1.27
C GLU A 12 -4.46 0.04 -0.36
N ASP A 13 -3.49 0.75 -0.94
CA ASP A 13 -2.60 1.57 -0.15
C ASP A 13 -3.37 2.76 0.44
N ARG A 14 -4.20 3.34 -0.40
CA ARG A 14 -4.61 4.73 -0.20
C ARG A 14 -5.46 4.85 1.06
N TYR A 15 -5.95 3.71 1.53
CA TYR A 15 -6.73 3.66 2.74
C TYR A 15 -5.82 3.59 3.98
N TYR A 16 -4.75 2.83 3.85
CA TYR A 16 -4.01 2.38 5.00
C TYR A 16 -2.53 2.75 4.89
N ARG A 17 -2.30 3.96 4.40
CA ARG A 17 -1.00 4.31 3.84
C ARG A 17 -0.09 4.87 4.93
N GLU A 18 -0.18 4.26 6.11
CA GLU A 18 0.45 4.82 7.30
C GLU A 18 1.87 4.28 7.44
N ASN A 19 2.60 4.32 6.34
CA ASN A 19 4.03 4.10 6.38
C ASN A 19 4.73 5.10 5.44
N MET A 20 4.04 6.21 5.20
CA MET A 20 4.46 7.14 4.17
C MET A 20 4.18 8.59 4.59
N TYR A 21 4.86 9.50 3.92
CA TYR A 21 4.49 10.90 3.98
C TYR A 21 3.00 11.08 3.64
N SER A 1 1.97 2.92 0.87
CA SER A 1 1.92 1.56 0.37
C SER A 1 2.30 0.55 1.46
N ARG A 2 1.68 -0.62 1.39
CA ARG A 2 1.91 -1.66 2.38
C ARG A 2 2.00 -3.03 1.71
N PRO A 3 3.10 -3.76 2.03
CA PRO A 3 3.24 -5.13 1.58
C PRO A 3 2.34 -6.07 2.39
N LEU A 4 1.32 -6.58 1.71
CA LEU A 4 0.40 -7.53 2.32
C LEU A 4 0.37 -8.81 1.48
N ILE A 5 1.43 -9.00 0.71
CA ILE A 5 1.29 -9.10 -0.74
C ILE A 5 0.23 -8.11 -1.21
N HIS A 6 0.62 -7.30 -2.19
CA HIS A 6 -0.28 -6.31 -2.75
C HIS A 6 -0.11 -6.26 -4.27
N PHE A 7 0.22 -7.41 -4.84
CA PHE A 7 -0.02 -7.63 -6.26
C PHE A 7 -1.22 -6.83 -6.75
N GLY A 8 -0.99 -6.06 -7.81
CA GLY A 8 0.31 -5.44 -8.01
C GLY A 8 0.16 -4.04 -8.60
N ASN A 9 -0.64 -3.23 -7.92
CA ASN A 9 -1.15 -2.01 -8.52
C ASN A 9 -1.29 -0.93 -7.44
N ASP A 10 -0.90 -1.31 -6.22
CA ASP A 10 -0.55 -0.32 -5.22
C ASP A 10 -1.78 0.52 -4.87
N TYR A 11 -2.80 -0.17 -4.38
CA TYR A 11 -4.09 0.46 -4.17
C TYR A 11 -4.31 0.79 -2.69
N GLU A 12 -3.68 -0.02 -1.84
CA GLU A 12 -3.86 0.15 -0.40
C GLU A 12 -3.15 1.40 0.09
N ASP A 13 -2.29 1.93 -0.77
CA ASP A 13 -1.50 3.10 -0.42
C ASP A 13 -2.45 4.28 -0.18
N ARG A 14 -3.55 4.29 -0.92
CA ARG A 14 -4.44 5.43 -0.93
C ARG A 14 -5.09 5.60 0.45
N TYR A 15 -5.00 4.54 1.25
CA TYR A 15 -5.62 4.55 2.56
C TYR A 15 -4.57 4.38 3.66
N TYR A 16 -3.78 3.32 3.53
CA TYR A 16 -3.07 2.77 4.67
C TYR A 16 -1.56 2.99 4.52
N ARG A 17 -1.21 4.24 4.22
CA ARG A 17 0.19 4.61 4.05
C ARG A 17 0.78 5.08 5.38
N GLU A 18 0.44 4.34 6.44
CA GLU A 18 0.90 4.70 7.77
C GLU A 18 2.29 4.10 8.02
N ASN A 19 3.12 4.19 7.00
CA ASN A 19 4.52 3.81 7.14
C ASN A 19 5.31 4.33 5.94
N MET A 20 4.78 5.36 5.33
CA MET A 20 5.30 5.83 4.05
C MET A 20 4.96 7.32 3.83
N TYR A 21 4.70 8.00 4.93
CA TYR A 21 4.19 9.36 4.86
C TYR A 21 4.19 10.01 6.25
N SER A 1 0.62 1.46 1.36
CA SER A 1 1.18 0.13 1.13
C SER A 1 1.08 -0.74 2.38
N ARG A 2 0.78 -2.01 2.15
CA ARG A 2 1.03 -3.03 3.16
C ARG A 2 1.58 -4.30 2.51
N PRO A 3 2.28 -5.12 3.33
CA PRO A 3 2.55 -6.50 2.97
C PRO A 3 1.29 -7.36 3.14
N LEU A 4 0.75 -7.78 2.00
CA LEU A 4 -0.38 -8.70 2.00
C LEU A 4 -0.15 -9.79 0.96
N ILE A 5 1.06 -9.81 0.43
CA ILE A 5 1.25 -9.93 -1.01
C ILE A 5 0.06 -9.27 -1.73
N HIS A 6 0.36 -8.15 -2.37
CA HIS A 6 -0.69 -7.36 -3.01
C HIS A 6 -0.47 -7.34 -4.52
N PHE A 7 -0.59 -8.51 -5.12
CA PHE A 7 -0.63 -8.62 -6.56
C PHE A 7 -1.31 -7.40 -7.18
N GLY A 8 -0.61 -6.76 -8.09
CA GLY A 8 0.84 -6.67 -7.99
C GLY A 8 1.32 -5.25 -8.31
N ASN A 9 0.78 -4.30 -7.58
CA ASN A 9 0.84 -2.90 -8.00
C ASN A 9 0.83 -1.99 -6.76
N ASP A 10 0.43 -2.58 -5.65
CA ASP A 10 0.38 -1.84 -4.40
C ASP A 10 -0.52 -0.62 -4.58
N TYR A 11 -1.77 -0.88 -4.90
CA TYR A 11 -2.77 0.17 -4.98
C TYR A 11 -3.18 0.64 -3.58
N GLU A 12 -2.42 0.18 -2.59
CA GLU A 12 -2.86 0.27 -1.22
C GLU A 12 -2.35 1.56 -0.57
N ASP A 13 -1.87 2.45 -1.42
CA ASP A 13 -1.39 3.74 -0.96
C ASP A 13 -2.52 4.46 -0.23
N ARG A 14 -3.66 4.51 -0.89
CA ARG A 14 -4.72 5.42 -0.48
C ARG A 14 -5.44 4.88 0.75
N TYR A 15 -5.21 3.60 1.02
CA TYR A 15 -5.75 2.97 2.22
C TYR A 15 -4.73 3.01 3.35
N TYR A 16 -3.50 2.61 3.03
CA TYR A 16 -2.51 2.31 4.05
C TYR A 16 -1.30 3.24 3.91
N ARG A 17 -1.56 4.52 4.04
CA ARG A 17 -0.56 5.53 3.68
C ARG A 17 0.41 5.75 4.84
N GLU A 18 0.94 4.65 5.35
CA GLU A 18 2.08 4.72 6.26
C GLU A 18 3.38 4.79 5.46
N ASN A 19 3.33 5.49 4.34
CA ASN A 19 4.47 5.57 3.45
C ASN A 19 4.49 6.95 2.78
N MET A 20 3.86 7.91 3.45
CA MET A 20 3.67 9.23 2.87
C MET A 20 3.54 10.29 3.96
N TYR A 21 3.81 11.53 3.57
CA TYR A 21 3.48 12.67 4.41
C TYR A 21 1.98 12.70 4.73
N SER A 1 1.64 1.58 2.08
CA SER A 1 1.76 0.28 1.44
C SER A 1 1.79 -0.84 2.49
N ARG A 2 1.07 -1.92 2.17
CA ARG A 2 1.07 -3.09 3.04
C ARG A 2 0.97 -4.36 2.20
N PRO A 3 1.82 -5.36 2.58
CA PRO A 3 1.88 -6.61 1.83
C PRO A 3 0.66 -7.48 2.15
N LEU A 4 0.22 -8.23 1.15
CA LEU A 4 -0.98 -9.05 1.28
C LEU A 4 -0.89 -10.22 0.31
N ILE A 5 0.33 -10.71 0.12
CA ILE A 5 1.03 -10.50 -1.12
C ILE A 5 0.03 -10.09 -2.21
N HIS A 6 0.13 -8.83 -2.62
CA HIS A 6 -0.80 -8.29 -3.60
C HIS A 6 -0.01 -7.70 -4.77
N PHE A 7 0.64 -8.58 -5.52
CA PHE A 7 1.22 -8.20 -6.79
C PHE A 7 0.36 -7.18 -7.51
N GLY A 8 0.98 -6.10 -7.93
CA GLY A 8 2.19 -5.62 -7.26
C GLY A 8 2.33 -4.11 -7.38
N ASN A 9 1.31 -3.41 -6.89
CA ASN A 9 1.16 -2.00 -7.20
C ASN A 9 0.63 -1.27 -5.96
N ASP A 10 0.00 -2.03 -5.09
CA ASP A 10 -0.24 -1.58 -3.72
C ASP A 10 -1.05 -0.28 -3.77
N TYR A 11 -2.16 -0.33 -4.48
CA TYR A 11 -3.01 0.84 -4.62
C TYR A 11 -3.78 1.12 -3.32
N GLU A 12 -3.72 0.14 -2.43
CA GLU A 12 -4.32 0.30 -1.10
C GLU A 12 -3.41 1.15 -0.22
N ASP A 13 -2.28 1.56 -0.79
CA ASP A 13 -1.33 2.37 -0.06
C ASP A 13 -2.03 3.58 0.54
N ARG A 14 -3.00 4.09 -0.22
CA ARG A 14 -3.59 5.38 0.10
C ARG A 14 -4.43 5.29 1.37
N TYR A 15 -4.69 4.06 1.78
CA TYR A 15 -5.42 3.81 3.01
C TYR A 15 -4.48 3.43 4.14
N TYR A 16 -3.27 3.04 3.76
CA TYR A 16 -2.29 2.57 4.73
C TYR A 16 -0.90 3.16 4.44
N ARG A 17 -0.82 4.47 4.51
CA ARG A 17 0.23 5.20 3.82
C ARG A 17 1.37 5.53 4.80
N GLU A 18 1.81 4.51 5.51
CA GLU A 18 2.85 4.69 6.51
C GLU A 18 4.22 4.78 5.84
N ASN A 19 4.23 5.43 4.68
CA ASN A 19 5.45 5.53 3.89
C ASN A 19 5.26 6.59 2.80
N MET A 20 4.19 7.37 2.95
CA MET A 20 3.82 8.33 1.94
C MET A 20 2.80 9.33 2.48
N TYR A 21 2.84 10.54 1.93
CA TYR A 21 1.86 11.54 2.26
C TYR A 21 0.44 11.08 1.90
N SER A 1 3.60 0.45 3.33
CA SER A 1 2.82 -0.44 2.48
C SER A 1 2.73 -1.84 3.08
N ARG A 2 1.51 -2.35 3.15
CA ARG A 2 1.26 -3.61 3.81
C ARG A 2 1.94 -4.76 3.05
N PRO A 3 2.66 -5.61 3.83
CA PRO A 3 2.97 -6.96 3.37
C PRO A 3 1.73 -7.87 3.47
N LEU A 4 1.18 -8.19 2.31
CA LEU A 4 0.05 -9.09 2.24
C LEU A 4 0.25 -10.08 1.09
N ILE A 5 1.48 -10.11 0.60
CA ILE A 5 1.71 -9.96 -0.83
C ILE A 5 0.77 -8.89 -1.39
N HIS A 6 1.38 -7.91 -2.04
CA HIS A 6 0.63 -6.75 -2.52
C HIS A 6 1.03 -6.44 -3.96
N PHE A 7 1.04 -7.49 -4.77
CA PHE A 7 1.00 -7.31 -6.21
C PHE A 7 0.27 -6.02 -6.59
N GLY A 8 0.96 -5.19 -7.36
CA GLY A 8 2.40 -5.02 -7.18
C GLY A 8 2.78 -3.54 -7.11
N ASN A 9 2.08 -2.83 -6.24
CA ASN A 9 1.88 -1.40 -6.43
C ASN A 9 1.19 -0.81 -5.20
N ASP A 10 0.68 -1.71 -4.37
CA ASP A 10 0.14 -1.30 -3.08
C ASP A 10 -1.07 -0.39 -3.30
N TYR A 11 -2.07 -0.95 -3.98
CA TYR A 11 -3.21 -0.16 -4.40
C TYR A 11 -4.06 0.26 -3.19
N GLU A 12 -3.74 -0.35 -2.05
CA GLU A 12 -4.45 -0.04 -0.82
C GLU A 12 -4.07 1.34 -0.31
N ASP A 13 -3.10 1.94 -0.99
CA ASP A 13 -2.57 3.22 -0.57
C ASP A 13 -3.72 4.22 -0.40
N ARG A 14 -4.73 4.07 -1.24
CA ARG A 14 -5.78 5.07 -1.35
C ARG A 14 -6.63 5.06 -0.08
N TYR A 15 -6.43 4.04 0.73
CA TYR A 15 -7.06 3.99 2.04
C TYR A 15 -6.02 3.98 3.16
N TYR A 16 -4.79 3.67 2.77
CA TYR A 16 -3.73 3.47 3.74
C TYR A 16 -2.40 4.05 3.23
N ARG A 17 -2.29 5.36 3.33
CA ARG A 17 -1.13 6.06 2.79
C ARG A 17 0.07 5.90 3.73
N GLU A 18 0.36 4.65 4.06
CA GLU A 18 1.57 4.34 4.82
C GLU A 18 2.77 4.28 3.89
N ASN A 19 2.81 5.20 2.95
CA ASN A 19 3.92 5.28 2.00
C ASN A 19 4.35 6.74 1.84
N MET A 20 3.87 7.57 2.76
CA MET A 20 3.97 9.01 2.58
C MET A 20 4.28 9.70 3.90
N TYR A 21 4.85 10.90 3.79
CA TYR A 21 4.95 11.79 4.93
C TYR A 21 3.56 12.23 5.39
N SER A 1 1.79 1.23 -3.44
CA SER A 1 3.24 1.21 -3.35
C SER A 1 3.68 0.71 -1.98
N ARG A 2 3.06 -0.37 -1.53
CA ARG A 2 3.25 -0.85 -0.18
C ARG A 2 2.75 -2.30 -0.06
N PRO A 3 3.71 -3.22 0.23
CA PRO A 3 3.38 -4.62 0.38
C PRO A 3 2.69 -4.88 1.72
N LEU A 4 1.87 -5.92 1.74
CA LEU A 4 1.02 -6.19 2.89
C LEU A 4 0.62 -7.66 2.90
N ILE A 5 1.55 -8.49 2.42
CA ILE A 5 1.47 -9.01 1.07
C ILE A 5 0.01 -8.94 0.59
N HIS A 6 -0.20 -8.13 -0.43
CA HIS A 6 -1.52 -8.02 -1.04
C HIS A 6 -1.38 -8.02 -2.56
N PHE A 7 -1.22 -9.21 -3.11
CA PHE A 7 -1.16 -9.37 -4.56
C PHE A 7 -2.24 -8.52 -5.25
N GLY A 8 -1.83 -7.88 -6.33
CA GLY A 8 -0.42 -7.62 -6.57
C GLY A 8 -0.22 -6.52 -7.60
N ASN A 9 -0.79 -5.36 -7.30
CA ASN A 9 -0.88 -4.30 -8.28
C ASN A 9 -0.88 -2.95 -7.57
N ASP A 10 -1.27 -2.99 -6.30
CA ASP A 10 -0.66 -2.12 -5.30
C ASP A 10 -1.08 -0.68 -5.57
N TYR A 11 -2.38 -0.50 -5.80
CA TYR A 11 -2.94 0.83 -5.94
C TYR A 11 -3.83 1.17 -4.74
N GLU A 12 -4.03 0.18 -3.89
CA GLU A 12 -4.71 0.40 -2.62
C GLU A 12 -3.77 1.08 -1.63
N ASP A 13 -2.74 1.71 -2.18
CA ASP A 13 -1.71 2.33 -1.35
C ASP A 13 -2.39 3.24 -0.32
N ARG A 14 -3.45 3.90 -0.76
CA ARG A 14 -4.01 5.00 0.00
C ARG A 14 -4.76 4.46 1.23
N TYR A 15 -4.99 3.16 1.22
CA TYR A 15 -5.71 2.51 2.30
C TYR A 15 -4.73 1.91 3.32
N TYR A 16 -3.53 1.64 2.85
CA TYR A 16 -2.57 0.88 3.65
C TYR A 16 -1.33 1.73 3.94
N ARG A 17 -1.52 3.04 3.90
CA ARG A 17 -0.40 3.96 3.99
C ARG A 17 -0.18 4.38 5.44
N GLU A 18 -0.37 3.43 6.34
CA GLU A 18 -0.52 3.74 7.75
C GLU A 18 0.86 3.80 8.42
N ASN A 19 1.81 4.39 7.71
CA ASN A 19 3.16 4.52 8.22
C ASN A 19 3.83 5.74 7.58
N MET A 20 3.07 6.40 6.72
CA MET A 20 3.64 7.45 5.88
C MET A 20 2.54 8.29 5.22
N TYR A 21 2.94 9.11 4.28
CA TYR A 21 1.99 9.76 3.39
C TYR A 21 1.12 8.73 2.67
N SER A 1 1.53 1.23 0.72
CA SER A 1 1.70 -0.22 0.70
C SER A 1 1.07 -0.87 1.93
N ARG A 2 0.13 -1.77 1.68
CA ARG A 2 -0.33 -2.68 2.71
C ARG A 2 0.07 -4.11 2.37
N PRO A 3 1.25 -4.53 2.91
CA PRO A 3 1.83 -5.82 2.57
C PRO A 3 1.07 -6.96 3.26
N LEU A 4 0.37 -7.74 2.45
CA LEU A 4 -0.32 -8.91 2.97
C LEU A 4 -0.06 -10.10 2.05
N ILE A 5 1.09 -10.06 1.40
CA ILE A 5 1.14 -10.16 -0.05
C ILE A 5 -0.02 -9.37 -0.65
N HIS A 6 0.33 -8.45 -1.55
CA HIS A 6 -0.64 -7.51 -2.07
C HIS A 6 -0.26 -7.12 -3.50
N PHE A 7 -0.21 -8.12 -4.36
CA PHE A 7 -0.08 -7.88 -5.79
C PHE A 7 -0.88 -6.66 -6.21
N GLY A 8 -0.23 -5.79 -6.97
CA GLY A 8 1.22 -5.64 -6.84
C GLY A 8 1.68 -4.31 -7.45
N ASN A 9 1.16 -3.23 -6.91
CA ASN A 9 1.32 -1.92 -7.52
C ASN A 9 1.10 -0.83 -6.46
N ASP A 10 0.69 -1.28 -5.28
CA ASP A 10 0.46 -0.36 -4.18
C ASP A 10 -0.54 0.72 -4.62
N TYR A 11 -1.71 0.26 -5.02
CA TYR A 11 -2.79 1.18 -5.34
C TYR A 11 -3.50 1.67 -4.07
N GLU A 12 -2.74 1.70 -2.98
CA GLU A 12 -3.33 1.64 -1.66
C GLU A 12 -3.06 2.94 -0.90
N ASP A 13 -2.56 3.92 -1.63
CA ASP A 13 -2.13 5.16 -1.01
C ASP A 13 -3.27 5.71 -0.15
N ARG A 14 -4.48 5.55 -0.64
CA ARG A 14 -5.63 6.25 -0.08
C ARG A 14 -5.95 5.71 1.31
N TYR A 15 -5.35 4.57 1.63
CA TYR A 15 -5.66 3.87 2.86
C TYR A 15 -4.41 3.69 3.72
N TYR A 16 -3.36 3.21 3.08
CA TYR A 16 -2.18 2.77 3.81
C TYR A 16 -0.90 3.20 3.08
N ARG A 17 -0.58 4.47 3.21
CA ARG A 17 0.74 4.95 2.86
C ARG A 17 1.68 4.87 4.07
N GLU A 18 1.73 3.68 4.65
CA GLU A 18 2.61 3.44 5.80
C GLU A 18 4.06 3.33 5.33
N ASN A 19 4.40 4.12 4.33
CA ASN A 19 5.74 4.12 3.78
C ASN A 19 6.00 5.44 3.06
N MET A 20 5.15 6.40 3.34
CA MET A 20 5.25 7.70 2.70
C MET A 20 4.49 8.77 3.49
N TYR A 21 5.06 9.97 3.50
CA TYR A 21 4.37 11.12 4.05
C TYR A 21 3.11 11.45 3.24
N SER A 1 2.84 1.51 -2.88
CA SER A 1 4.12 1.62 -2.19
C SER A 1 4.01 1.10 -0.75
N ARG A 2 3.48 -0.11 -0.64
CA ARG A 2 3.25 -0.70 0.66
C ARG A 2 3.28 -2.23 0.56
N PRO A 3 4.07 -2.84 1.49
CA PRO A 3 3.96 -4.28 1.74
C PRO A 3 2.70 -4.59 2.55
N LEU A 4 1.86 -5.42 1.96
CA LEU A 4 0.66 -5.89 2.64
C LEU A 4 0.33 -7.31 2.18
N ILE A 5 1.30 -7.92 1.51
CA ILE A 5 1.05 -8.53 0.22
C ILE A 5 0.14 -7.61 -0.60
N HIS A 6 0.64 -7.26 -1.79
CA HIS A 6 0.01 -6.19 -2.56
C HIS A 6 -0.13 -6.65 -4.02
N PHE A 7 -0.58 -7.88 -4.18
CA PHE A 7 -1.13 -8.31 -5.46
C PHE A 7 -1.82 -7.16 -6.18
N GLY A 8 -1.39 -6.92 -7.41
CA GLY A 8 0.02 -7.02 -7.73
C GLY A 8 0.53 -5.75 -8.41
N ASN A 9 0.30 -4.63 -7.74
CA ASN A 9 0.31 -3.34 -8.42
C ASN A 9 0.66 -2.24 -7.42
N ASP A 10 0.57 -2.59 -6.15
CA ASP A 10 1.23 -1.82 -5.11
C ASP A 10 0.61 -0.42 -5.07
N TYR A 11 -0.70 -0.39 -4.92
CA TYR A 11 -1.44 0.85 -5.10
C TYR A 11 -2.43 1.08 -3.95
N GLU A 12 -2.47 0.09 -3.06
CA GLU A 12 -3.45 0.11 -1.98
C GLU A 12 -3.00 1.06 -0.88
N ASP A 13 -2.05 1.91 -1.21
CA ASP A 13 -1.48 2.82 -0.24
C ASP A 13 -2.60 3.62 0.43
N ARG A 14 -3.52 4.10 -0.40
CA ARG A 14 -4.45 5.12 0.04
C ARG A 14 -5.48 4.53 1.00
N TYR A 15 -5.51 3.21 1.05
CA TYR A 15 -6.43 2.52 1.92
C TYR A 15 -5.80 2.20 3.28
N TYR A 16 -4.49 1.99 3.23
CA TYR A 16 -3.75 1.58 4.42
C TYR A 16 -2.42 2.32 4.53
N ARG A 17 -2.53 3.64 4.65
CA ARG A 17 -1.42 4.51 4.31
C ARG A 17 -0.47 4.65 5.50
N GLU A 18 -0.27 3.55 6.19
CA GLU A 18 0.51 3.55 7.41
C GLU A 18 1.98 3.23 7.11
N ASN A 19 2.50 3.91 6.10
CA ASN A 19 3.94 3.96 5.89
C ASN A 19 4.28 5.14 4.98
N MET A 20 3.36 6.09 4.93
CA MET A 20 3.34 7.05 3.84
C MET A 20 2.59 8.32 4.24
N TYR A 21 2.44 9.22 3.29
CA TYR A 21 1.49 10.32 3.41
C TYR A 21 0.08 9.78 3.63
N SER A 1 2.40 2.25 2.01
CA SER A 1 2.81 1.08 1.25
C SER A 1 2.87 -0.16 2.14
N ARG A 2 2.14 -1.19 1.72
CA ARG A 2 1.85 -2.31 2.60
C ARG A 2 1.88 -3.62 1.82
N PRO A 3 2.63 -4.61 2.40
CA PRO A 3 2.50 -5.99 1.95
C PRO A 3 1.20 -6.62 2.46
N LEU A 4 0.27 -6.82 1.54
CA LEU A 4 -1.04 -7.33 1.88
C LEU A 4 -1.29 -8.64 1.14
N ILE A 5 -0.20 -9.25 0.71
CA ILE A 5 0.01 -9.48 -0.71
C ILE A 5 -0.66 -8.36 -1.51
N HIS A 6 0.17 -7.65 -2.26
CA HIS A 6 -0.28 -6.43 -2.92
C HIS A 6 0.13 -6.45 -4.39
N PHE A 7 0.01 -7.63 -4.99
CA PHE A 7 -0.07 -7.74 -6.43
C PHE A 7 -0.73 -6.51 -7.04
N GLY A 8 -0.02 -5.88 -7.98
CA GLY A 8 1.42 -5.75 -7.85
C GLY A 8 1.85 -4.28 -8.02
N ASN A 9 1.23 -3.42 -7.23
CA ASN A 9 1.16 -2.01 -7.57
C ASN A 9 1.09 -1.19 -6.28
N ASP A 10 0.85 -1.89 -5.18
CA ASP A 10 0.81 -1.24 -3.88
C ASP A 10 -0.21 -0.09 -3.91
N TYR A 11 -1.42 -0.44 -4.33
CA TYR A 11 -2.46 0.56 -4.50
C TYR A 11 -3.30 0.70 -3.23
N GLU A 12 -3.12 -0.25 -2.33
CA GLU A 12 -3.75 -0.18 -1.02
C GLU A 12 -3.05 0.88 -0.17
N ASP A 13 -1.96 1.40 -0.69
CA ASP A 13 -1.20 2.42 0.00
C ASP A 13 -2.13 3.58 0.39
N ARG A 14 -3.10 3.82 -0.48
CA ARG A 14 -3.96 4.98 -0.32
C ARG A 14 -4.75 4.87 0.99
N TYR A 15 -4.76 3.67 1.55
CA TYR A 15 -5.44 3.45 2.81
C TYR A 15 -4.44 3.05 3.91
N TYR A 16 -3.27 2.63 3.46
CA TYR A 16 -2.21 2.24 4.39
C TYR A 16 -0.90 2.97 4.07
N ARG A 17 -0.94 4.28 4.20
CA ARG A 17 0.18 5.12 3.77
C ARG A 17 1.14 5.34 4.94
N GLU A 18 1.53 4.24 5.55
CA GLU A 18 2.39 4.30 6.73
C GLU A 18 3.84 4.60 6.31
N ASN A 19 3.97 5.45 5.31
CA ASN A 19 5.28 5.92 4.89
C ASN A 19 5.09 7.04 3.86
N MET A 20 3.93 7.66 3.90
CA MET A 20 3.60 8.70 2.93
C MET A 20 2.48 9.60 3.45
N TYR A 21 2.47 10.82 2.96
CA TYR A 21 1.36 11.73 3.22
C TYR A 21 0.07 11.20 2.61
N SER A 1 0.05 1.51 1.18
CA SER A 1 1.22 0.65 1.12
C SER A 1 1.33 -0.23 2.37
N ARG A 2 0.93 -1.48 2.20
CA ARG A 2 1.18 -2.48 3.23
C ARG A 2 1.75 -3.75 2.61
N PRO A 3 2.29 -4.63 3.50
CA PRO A 3 2.67 -5.97 3.09
C PRO A 3 1.43 -6.85 2.93
N LEU A 4 1.18 -7.25 1.69
CA LEU A 4 0.13 -8.22 1.42
C LEU A 4 0.60 -9.15 0.30
N ILE A 5 1.87 -9.00 -0.07
CA ILE A 5 2.23 -8.84 -1.46
C ILE A 5 1.03 -8.32 -2.25
N HIS A 6 1.11 -7.04 -2.59
CA HIS A 6 -0.04 -6.34 -3.14
C HIS A 6 0.16 -6.13 -4.64
N PHE A 7 0.31 -7.23 -5.35
CA PHE A 7 0.23 -7.22 -6.79
C PHE A 7 -0.83 -6.22 -7.27
N GLY A 8 -0.41 -5.37 -8.20
CA GLY A 8 0.96 -4.88 -8.21
C GLY A 8 1.00 -3.38 -8.51
N ASN A 9 0.55 -2.59 -7.54
CA ASN A 9 0.15 -1.22 -7.82
C ASN A 9 -0.14 -0.51 -6.49
N ASP A 10 -0.34 -1.32 -5.46
CA ASP A 10 -0.51 -0.78 -4.12
C ASP A 10 -1.75 0.12 -4.08
N TYR A 11 -2.90 -0.51 -4.30
CA TYR A 11 -4.17 0.15 -4.06
C TYR A 11 -4.31 0.57 -2.59
N GLU A 12 -3.42 0.01 -1.77
CA GLU A 12 -3.51 0.19 -0.33
C GLU A 12 -2.99 1.57 0.06
N ASP A 13 -2.49 2.30 -0.93
CA ASP A 13 -2.08 3.67 -0.73
C ASP A 13 -3.29 4.52 -0.34
N ARG A 14 -4.42 4.19 -0.94
CA ARG A 14 -5.62 4.99 -0.79
C ARG A 14 -6.20 4.82 0.61
N TYR A 15 -5.74 3.78 1.29
CA TYR A 15 -6.19 3.50 2.64
C TYR A 15 -5.11 3.86 3.66
N TYR A 16 -3.93 3.30 3.45
CA TYR A 16 -2.91 3.27 4.48
C TYR A 16 -1.52 3.46 3.88
N ARG A 17 -1.18 4.72 3.63
CA ARG A 17 0.21 5.09 3.42
C ARG A 17 0.89 5.41 4.77
N GLU A 18 0.77 4.46 5.68
CA GLU A 18 1.33 4.64 7.01
C GLU A 18 2.85 4.44 6.98
N ASN A 19 3.46 4.92 5.91
CA ASN A 19 4.90 4.83 5.76
C ASN A 19 5.34 5.70 4.59
N MET A 20 4.44 6.59 4.18
CA MET A 20 4.72 7.45 3.04
C MET A 20 3.89 8.73 3.11
N TYR A 21 4.50 9.82 2.68
CA TYR A 21 3.80 11.09 2.57
C TYR A 21 2.59 10.96 1.62
N SER A 1 2.76 1.47 4.49
CA SER A 1 1.99 0.39 3.88
C SER A 1 2.67 -0.96 4.12
N ARG A 2 2.02 -2.00 3.64
CA ARG A 2 2.45 -3.36 3.94
C ARG A 2 2.03 -4.31 2.81
N PRO A 3 2.84 -5.40 2.66
CA PRO A 3 2.50 -6.44 1.70
C PRO A 3 1.36 -7.31 2.21
N LEU A 4 0.55 -7.78 1.27
CA LEU A 4 -0.74 -8.35 1.61
C LEU A 4 -1.10 -9.44 0.59
N ILE A 5 -0.05 -10.11 0.10
CA ILE A 5 0.45 -9.83 -1.23
C ILE A 5 -0.65 -9.17 -2.07
N HIS A 6 -0.41 -7.92 -2.43
CA HIS A 6 -1.36 -7.18 -3.24
C HIS A 6 -0.74 -6.86 -4.60
N PHE A 7 -0.47 -7.91 -5.36
CA PHE A 7 -0.04 -7.76 -6.74
C PHE A 7 -0.75 -6.56 -7.39
N GLY A 8 0.07 -5.69 -7.97
CA GLY A 8 1.43 -5.50 -7.49
C GLY A 8 1.86 -4.04 -7.62
N ASN A 9 1.07 -3.16 -7.01
CA ASN A 9 1.18 -1.74 -7.28
C ASN A 9 0.86 -0.96 -6.00
N ASP A 10 0.50 -1.70 -4.97
CA ASP A 10 0.31 -1.12 -3.66
C ASP A 10 -0.71 0.02 -3.75
N TYR A 11 -1.83 -0.28 -4.39
CA TYR A 11 -2.86 0.72 -4.61
C TYR A 11 -3.57 1.06 -3.29
N GLU A 12 -3.26 0.28 -2.26
CA GLU A 12 -3.78 0.54 -0.94
C GLU A 12 -2.99 1.67 -0.27
N ASP A 13 -2.17 2.34 -1.08
CA ASP A 13 -1.58 3.60 -0.67
C ASP A 13 -2.67 4.51 -0.11
N ARG A 14 -3.85 4.43 -0.72
CA ARG A 14 -4.93 5.36 -0.40
C ARG A 14 -5.33 5.20 1.07
N TYR A 15 -4.89 4.10 1.66
CA TYR A 15 -5.25 3.80 3.03
C TYR A 15 -4.02 3.70 3.93
N TYR A 16 -3.07 2.88 3.48
CA TYR A 16 -1.97 2.48 4.33
C TYR A 16 -0.73 3.34 4.06
N ARG A 17 -0.98 4.60 3.75
CA ARG A 17 0.10 5.54 3.50
C ARG A 17 0.67 6.06 4.82
N GLU A 18 0.95 5.14 5.72
CA GLU A 18 1.54 5.49 6.99
C GLU A 18 3.04 5.77 6.83
N ASN A 19 3.39 6.29 5.66
CA ASN A 19 4.78 6.58 5.36
C ASN A 19 4.87 7.26 4.00
N MET A 20 3.73 7.77 3.54
CA MET A 20 3.62 8.31 2.21
C MET A 20 2.68 9.51 2.17
N TYR A 21 2.61 10.14 1.01
CA TYR A 21 2.07 11.48 0.91
C TYR A 21 1.26 11.65 -0.38
N SER A 1 1.64 3.19 1.15
CA SER A 1 2.05 1.95 0.51
C SER A 1 2.31 0.85 1.54
N ARG A 2 1.69 -0.30 1.31
CA ARG A 2 1.85 -1.42 2.22
C ARG A 2 1.59 -2.74 1.48
N PRO A 3 2.61 -3.63 1.52
CA PRO A 3 2.48 -4.95 0.92
C PRO A 3 1.59 -5.85 1.78
N LEU A 4 0.64 -6.49 1.12
CA LEU A 4 -0.21 -7.47 1.79
C LEU A 4 -0.08 -8.82 1.09
N ILE A 5 1.06 -9.00 0.44
CA ILE A 5 1.07 -9.43 -0.95
C ILE A 5 -0.13 -8.82 -1.67
N HIS A 6 0.17 -7.95 -2.63
CA HIS A 6 -0.86 -7.13 -3.24
C HIS A 6 -0.51 -6.91 -4.72
N PHE A 7 -0.25 -8.00 -5.40
CA PHE A 7 0.01 -7.95 -6.84
C PHE A 7 -0.81 -6.84 -7.51
N GLY A 8 -0.09 -5.93 -8.16
CA GLY A 8 1.21 -5.52 -7.67
C GLY A 8 1.42 -4.02 -7.89
N ASN A 9 0.46 -3.25 -7.38
CA ASN A 9 0.31 -1.87 -7.82
C ASN A 9 -0.13 -1.01 -6.63
N ASP A 10 -0.17 -1.64 -5.47
CA ASP A 10 -0.18 -0.90 -4.21
C ASP A 10 -1.39 0.04 -4.19
N TYR A 11 -2.57 -0.55 -4.37
CA TYR A 11 -3.78 0.24 -4.48
C TYR A 11 -4.39 0.49 -3.10
N GLU A 12 -3.87 -0.23 -2.11
CA GLU A 12 -4.28 -0.02 -0.73
C GLU A 12 -3.60 1.23 -0.16
N ASP A 13 -2.81 1.88 -1.00
CA ASP A 13 -2.08 3.05 -0.58
C ASP A 13 -3.07 4.15 -0.19
N ARG A 14 -4.25 4.07 -0.78
CA ARG A 14 -5.30 5.05 -0.49
C ARG A 14 -5.63 5.04 1.00
N TYR A 15 -5.17 4.01 1.68
CA TYR A 15 -5.36 3.91 3.11
C TYR A 15 -4.02 3.76 3.85
N TYR A 16 -3.26 2.76 3.42
CA TYR A 16 -2.19 2.24 4.25
C TYR A 16 -0.84 2.87 3.85
N ARG A 17 -0.81 4.18 3.92
CA ARG A 17 0.43 4.88 4.19
C ARG A 17 0.43 5.45 5.60
N GLU A 18 0.06 4.59 6.55
CA GLU A 18 -0.05 5.00 7.94
C GLU A 18 1.30 4.86 8.64
N ASN A 19 2.36 5.12 7.89
CA ASN A 19 3.70 4.86 8.36
C ASN A 19 4.71 5.53 7.42
N MET A 20 4.20 6.45 6.61
CA MET A 20 5.03 7.11 5.61
C MET A 20 4.34 8.37 5.09
N TYR A 21 5.08 9.11 4.27
CA TYR A 21 4.48 10.19 3.50
C TYR A 21 3.35 9.69 2.61
#